data_2ES5
#
_entry.id   2ES5
#
_entity_poly.entity_id   1
_entity_poly.type   'polyribonucleotide'
_entity_poly.pdbx_seq_one_letter_code
;GGAGAGGCUCUGGCAGCUUUUCC
;
_entity_poly.pdbx_strand_id   A
#
loop_
_chem_comp.id
_chem_comp.type
_chem_comp.name
_chem_comp.formula
A RNA linking ADENOSINE-5'-MONOPHOSPHATE 'C10 H14 N5 O7 P'
C RNA linking CYTIDINE-5'-MONOPHOSPHATE 'C9 H14 N3 O8 P'
G RNA linking GUANOSINE-5'-MONOPHOSPHATE 'C10 H14 N5 O8 P'
U RNA linking URIDINE-5'-MONOPHOSPHATE 'C9 H13 N2 O9 P'
#